data_6Z0Z
#
_entry.id   6Z0Z
#
_cell.length_a   67.174
_cell.length_b   67.174
_cell.length_c   136.047
_cell.angle_alpha   90.000
_cell.angle_beta   90.000
_cell.angle_gamma   90.000
#
_symmetry.space_group_name_H-M   'P 43 21 2'
#
loop_
_entity.id
_entity.type
_entity.pdbx_description
1 polymer 'Stimulator of interferon protein'
2 non-polymer "2'-fluoro-,3',3'-c-di-AMP"
3 water water
#
_entity_poly.entity_id   1
_entity_poly.type   'polypeptide(L)'
_entity_poly.pdbx_seq_one_letter_code
;APAEISAVCEKGNFNVAHGLAWSYYIGYLRLILPELQARIRTYNQHYNNLLRGAVSQRLYILLPLDCGVPDNLSMADPNI
RFLDKLPQQTGDRAGIKDRVYSNSIYELLENGQRAGTCVLEYATPLQTLFAMSQYSQAGFSREDRLEQAKLFCRTLEDIL
ADAPESQNNCRLIAYQEPADDSSFSLSQEVLRHLRQEEKEEVTV
;
_entity_poly.pdbx_strand_id   A
#
loop_
_chem_comp.id
_chem_comp.type
_chem_comp.name
_chem_comp.formula
M8T non-polymer 2'-fluoro-,3',3'-c-di-AMP 'C20 H22 F2 N10 O10 P2'
#
# COMPACT_ATOMS: atom_id res chain seq x y z
N PHE A 14 -0.27 18.35 14.49
CA PHE A 14 1.14 18.49 14.85
C PHE A 14 1.87 17.16 14.66
N ASN A 15 1.73 16.26 15.62
CA ASN A 15 2.30 14.92 15.54
C ASN A 15 1.26 13.87 15.19
N VAL A 16 0.18 14.27 14.51
CA VAL A 16 -0.84 13.31 14.10
C VAL A 16 -0.24 12.27 13.17
N ALA A 17 0.66 12.69 12.28
CA ALA A 17 1.27 11.74 11.35
C ALA A 17 2.12 10.72 12.09
N HIS A 18 2.74 11.11 13.20
CA HIS A 18 3.57 10.17 13.95
C HIS A 18 2.74 9.02 14.51
N GLY A 19 1.56 9.32 15.04
CA GLY A 19 0.73 8.28 15.62
C GLY A 19 0.13 7.36 14.58
N LEU A 20 -0.33 7.93 13.46
CA LEU A 20 -0.91 7.12 12.40
C LEU A 20 0.13 6.20 11.78
N ALA A 21 1.39 6.63 11.72
CA ALA A 21 2.44 5.79 11.16
C ALA A 21 2.72 4.60 12.07
N TRP A 22 2.86 4.84 13.37
CA TRP A 22 3.10 3.75 14.31
C TRP A 22 1.88 2.84 14.41
N SER A 23 0.68 3.42 14.38
CA SER A 23 -0.53 2.61 14.34
C SER A 23 -0.55 1.72 13.11
N TYR A 24 -0.20 2.29 11.95
CA TYR A 24 -0.15 1.51 10.72
C TYR A 24 0.85 0.36 10.83
N TYR A 25 1.98 0.59 11.48
CA TYR A 25 2.99 -0.46 11.63
C TYR A 25 2.58 -1.50 12.65
N ILE A 26 2.22 -1.06 13.85
CA ILE A 26 1.91 -1.99 14.93
C ILE A 26 0.65 -2.78 14.61
N GLY A 27 -0.38 -2.12 14.09
CA GLY A 27 -1.67 -2.74 13.88
C GLY A 27 -1.93 -3.29 12.50
N TYR A 28 -0.92 -3.40 11.65
CA TYR A 28 -1.16 -3.92 10.30
C TYR A 28 0.08 -4.58 9.70
N LEU A 29 1.10 -3.78 9.36
CA LEU A 29 2.27 -4.33 8.69
C LEU A 29 2.90 -5.45 9.50
N ARG A 30 3.08 -5.22 10.80
CA ARG A 30 3.69 -6.23 11.66
C ARG A 30 2.86 -7.50 11.76
N LEU A 31 1.58 -7.43 11.39
CA LEU A 31 0.69 -8.58 11.48
C LEU A 31 0.58 -9.36 10.17
N ILE A 32 0.57 -8.69 9.02
CA ILE A 32 0.32 -9.36 7.76
C ILE A 32 1.62 -9.69 7.04
N LEU A 33 2.65 -8.86 7.21
CA LEU A 33 3.88 -9.06 6.46
C LEU A 33 4.56 -10.38 6.80
N PRO A 34 4.61 -10.84 8.05
CA PRO A 34 5.19 -12.17 8.33
C PRO A 34 4.49 -13.30 7.59
N GLU A 35 3.21 -13.13 7.25
CA GLU A 35 2.43 -14.18 6.60
C GLU A 35 2.22 -13.94 5.11
N LEU A 36 2.73 -12.82 4.58
CA LEU A 36 2.39 -12.44 3.21
C LEU A 36 2.98 -13.42 2.20
N GLN A 37 4.26 -13.76 2.33
CA GLN A 37 4.91 -14.62 1.34
C GLN A 37 4.18 -15.95 1.21
N ALA A 38 3.67 -16.49 2.32
CA ALA A 38 2.94 -17.76 2.25
C ALA A 38 1.65 -17.59 1.47
N ARG A 39 0.92 -16.50 1.70
CA ARG A 39 -0.32 -16.26 0.96
C ARG A 39 -0.03 -16.06 -0.52
N ILE A 40 1.05 -15.35 -0.85
CA ILE A 40 1.42 -15.15 -2.24
C ILE A 40 1.84 -16.46 -2.88
N ARG A 41 2.66 -17.24 -2.17
CA ARG A 41 3.06 -18.56 -2.67
C ARG A 41 1.82 -19.41 -2.95
N THR A 42 0.82 -19.35 -2.06
CA THR A 42 -0.41 -20.10 -2.28
C THR A 42 -1.06 -19.69 -3.59
N TYR A 43 -1.23 -18.39 -3.81
CA TYR A 43 -1.88 -17.93 -5.04
C TYR A 43 -1.07 -18.31 -6.27
N ASN A 44 0.26 -18.19 -6.18
CA ASN A 44 1.12 -18.46 -7.32
C ASN A 44 1.11 -19.93 -7.73
N GLN A 45 0.73 -20.84 -6.83
CA GLN A 45 0.81 -22.27 -7.15
C GLN A 45 -0.13 -22.63 -8.29
N HIS A 46 -1.33 -22.06 -8.32
CA HIS A 46 -2.26 -22.28 -9.42
C HIS A 46 -2.13 -21.24 -10.52
N TYR A 47 -1.71 -20.03 -10.18
CA TYR A 47 -1.71 -18.93 -11.14
C TYR A 47 -0.45 -18.92 -11.99
N ASN A 48 0.69 -19.24 -11.39
CA ASN A 48 1.98 -19.08 -12.06
C ASN A 48 2.21 -20.23 -13.04
N ASN A 49 2.55 -19.88 -14.28
CA ASN A 49 3.00 -20.84 -15.27
C ASN A 49 4.00 -20.12 -16.18
N LEU A 50 4.50 -20.84 -17.19
CA LEU A 50 5.52 -20.27 -18.07
C LEU A 50 4.96 -19.24 -19.04
N LEU A 51 3.65 -19.01 -19.05
CA LEU A 51 3.05 -18.01 -19.95
C LEU A 51 2.96 -16.63 -19.32
N ARG A 52 3.40 -16.47 -18.07
CA ARG A 52 3.31 -15.18 -17.40
C ARG A 52 4.13 -15.22 -16.13
N GLY A 53 4.62 -14.05 -15.72
CA GLY A 53 5.36 -13.96 -14.49
C GLY A 53 4.48 -14.19 -13.27
N ALA A 54 5.13 -14.63 -12.19
CA ALA A 54 4.42 -14.85 -10.94
C ALA A 54 4.13 -13.53 -10.26
N VAL A 55 3.17 -13.56 -9.33
CA VAL A 55 2.92 -12.41 -8.48
C VAL A 55 4.17 -12.12 -7.67
N SER A 56 4.57 -10.85 -7.63
CA SER A 56 5.76 -10.47 -6.88
C SER A 56 5.59 -10.83 -5.41
N GLN A 57 6.73 -10.84 -4.69
CA GLN A 57 6.78 -11.34 -3.33
C GLN A 57 6.43 -10.29 -2.28
N ARG A 58 6.74 -9.02 -2.54
CA ARG A 58 6.62 -7.97 -1.54
C ARG A 58 5.29 -7.24 -1.67
N LEU A 59 4.92 -6.54 -0.60
CA LEU A 59 3.76 -5.68 -0.58
C LEU A 59 4.18 -4.28 -1.04
N TYR A 60 3.53 -3.79 -2.10
CA TYR A 60 3.84 -2.48 -2.65
C TYR A 60 2.79 -1.49 -2.16
N ILE A 61 3.25 -0.44 -1.50
CA ILE A 61 2.39 0.51 -0.79
C ILE A 61 2.52 1.86 -1.44
N LEU A 62 1.39 2.40 -1.91
CA LEU A 62 1.37 3.71 -2.57
C LEU A 62 1.24 4.81 -1.52
N LEU A 63 2.14 5.79 -1.58
CA LEU A 63 2.19 6.88 -0.62
C LEU A 63 2.09 8.21 -1.38
N PRO A 64 0.89 8.57 -1.85
CA PRO A 64 0.73 9.88 -2.50
C PRO A 64 0.80 11.00 -1.48
N LEU A 65 1.62 12.00 -1.77
CA LEU A 65 1.78 13.12 -0.85
C LEU A 65 0.65 14.14 -0.98
N ASP A 66 0.02 14.24 -2.17
CA ASP A 66 -1.07 15.18 -2.40
C ASP A 66 -2.08 14.50 -3.33
N CYS A 67 -2.95 13.68 -2.74
CA CYS A 67 -3.97 12.96 -3.48
C CYS A 67 -5.14 12.66 -2.57
N GLY A 68 -6.35 12.68 -3.14
CA GLY A 68 -7.51 12.26 -2.39
C GLY A 68 -7.49 10.80 -1.99
N VAL A 69 -6.66 10.01 -2.66
CA VAL A 69 -6.53 8.58 -2.38
C VAL A 69 -7.86 7.89 -2.69
N PRO A 70 -8.13 7.52 -3.93
CA PRO A 70 -9.37 6.81 -4.24
C PRO A 70 -9.33 5.37 -3.75
N ASP A 71 -10.48 4.71 -3.84
CA ASP A 71 -10.61 3.32 -3.45
C ASP A 71 -10.37 2.36 -4.60
N ASN A 72 -10.58 2.80 -5.84
CA ASN A 72 -10.37 1.99 -7.03
C ASN A 72 -9.08 2.47 -7.70
N LEU A 73 -8.04 1.63 -7.69
CA LEU A 73 -6.76 2.06 -8.24
C LEU A 73 -6.83 2.33 -9.73
N SER A 74 -7.76 1.68 -10.44
CA SER A 74 -7.90 1.92 -11.87
C SER A 74 -8.29 3.35 -12.16
N MET A 75 -8.99 4.00 -11.23
CA MET A 75 -9.34 5.41 -11.40
C MET A 75 -8.14 6.33 -11.20
N ALA A 76 -7.10 5.86 -10.53
CA ALA A 76 -5.85 6.63 -10.47
C ALA A 76 -5.00 6.41 -11.70
N ASP A 77 -5.14 5.25 -12.34
CA ASP A 77 -4.39 4.92 -13.55
C ASP A 77 -5.06 3.75 -14.25
N PRO A 78 -5.55 3.91 -15.48
CA PRO A 78 -6.21 2.78 -16.16
C PRO A 78 -5.31 1.57 -16.35
N ASN A 79 -3.98 1.76 -16.33
CA ASN A 79 -3.05 0.66 -16.47
C ASN A 79 -2.85 -0.13 -15.18
N ILE A 80 -3.60 0.19 -14.12
CA ILE A 80 -3.62 -0.57 -12.89
C ILE A 80 -5.01 -1.18 -12.77
N ARG A 81 -5.12 -2.48 -12.99
CA ARG A 81 -6.39 -3.17 -13.00
C ARG A 81 -6.38 -4.29 -11.97
N PHE A 82 -7.44 -4.37 -11.17
CA PHE A 82 -7.57 -5.43 -10.19
C PHE A 82 -7.60 -6.79 -10.87
N LEU A 83 -6.84 -7.73 -10.34
CA LEU A 83 -6.76 -9.08 -10.88
C LEU A 83 -7.43 -10.11 -9.98
N ASP A 84 -7.13 -10.10 -8.68
CA ASP A 84 -7.65 -11.12 -7.78
C ASP A 84 -7.25 -10.78 -6.34
N LYS A 85 -7.94 -11.40 -5.39
CA LYS A 85 -7.58 -11.31 -4.00
C LYS A 85 -6.67 -12.46 -3.60
N LEU A 86 -5.77 -12.18 -2.65
CA LEU A 86 -5.05 -13.25 -2.00
C LEU A 86 -6.01 -14.06 -1.13
N PRO A 87 -5.57 -15.21 -0.62
CA PRO A 87 -6.32 -15.84 0.46
C PRO A 87 -6.37 -14.90 1.67
N GLN A 88 -7.51 -14.87 2.33
CA GLN A 88 -7.67 -14.03 3.51
C GLN A 88 -6.76 -14.52 4.64
N GLN A 89 -6.43 -13.60 5.53
CA GLN A 89 -5.77 -13.90 6.79
C GLN A 89 -6.68 -13.48 7.93
N THR A 90 -6.76 -14.31 8.96
CA THR A 90 -7.63 -14.03 10.10
C THR A 90 -6.85 -14.14 11.40
N GLY A 91 -7.38 -13.46 12.42
CA GLY A 91 -6.79 -13.49 13.74
C GLY A 91 -7.62 -12.70 14.73
N ASP A 92 -7.88 -13.27 15.90
CA ASP A 92 -8.59 -12.54 16.95
C ASP A 92 -7.82 -11.28 17.31
N ARG A 93 -8.54 -10.19 17.52
CA ARG A 93 -7.90 -8.94 17.95
C ARG A 93 -8.90 -8.10 18.73
N ALA A 94 -8.57 -7.82 19.99
CA ALA A 94 -9.27 -6.83 20.81
C ALA A 94 -10.74 -7.16 20.98
N GLY A 95 -11.08 -8.45 21.01
CA GLY A 95 -12.45 -8.89 21.22
C GLY A 95 -13.19 -9.27 19.95
N ILE A 96 -12.62 -8.99 18.78
CA ILE A 96 -13.22 -9.37 17.51
C ILE A 96 -12.61 -10.70 17.10
N LYS A 97 -13.41 -11.76 17.10
CA LYS A 97 -12.94 -13.05 16.63
C LYS A 97 -12.68 -12.99 15.13
N ASP A 98 -11.56 -13.56 14.71
CA ASP A 98 -11.24 -13.74 13.29
C ASP A 98 -11.37 -12.43 12.52
N ARG A 99 -10.73 -11.38 13.05
CA ARG A 99 -10.59 -10.16 12.27
C ARG A 99 -9.87 -10.47 10.97
N VAL A 100 -10.36 -9.90 9.87
CA VAL A 100 -10.00 -10.34 8.52
C VAL A 100 -9.04 -9.34 7.90
N TYR A 101 -7.95 -9.85 7.32
CA TYR A 101 -6.98 -9.06 6.58
C TYR A 101 -6.96 -9.57 5.14
N SER A 102 -7.46 -8.75 4.22
CA SER A 102 -7.54 -9.11 2.81
C SER A 102 -6.69 -8.15 2.00
N ASN A 103 -6.08 -8.67 0.93
CA ASN A 103 -5.23 -7.89 0.06
C ASN A 103 -5.52 -8.27 -1.40
N SER A 104 -5.35 -7.30 -2.29
CA SER A 104 -5.73 -7.45 -3.69
C SER A 104 -4.51 -7.41 -4.59
N ILE A 105 -4.52 -8.29 -5.61
CA ILE A 105 -3.46 -8.38 -6.60
C ILE A 105 -3.86 -7.57 -7.82
N TYR A 106 -2.92 -6.80 -8.35
CA TYR A 106 -3.16 -5.94 -9.50
C TYR A 106 -2.18 -6.25 -10.62
N GLU A 107 -2.67 -6.12 -11.85
CA GLU A 107 -1.81 -6.20 -13.02
C GLU A 107 -1.42 -4.79 -13.47
N LEU A 108 -0.16 -4.64 -13.87
CA LEU A 108 0.34 -3.38 -14.41
C LEU A 108 0.46 -3.51 -15.92
N LEU A 109 -0.33 -2.73 -16.64
CA LEU A 109 -0.32 -2.79 -18.09
C LEU A 109 0.72 -1.84 -18.67
N GLU A 110 1.31 -2.26 -19.78
CA GLU A 110 2.27 -1.44 -20.51
C GLU A 110 2.10 -1.77 -21.98
N ASN A 111 1.62 -0.81 -22.76
CA ASN A 111 1.31 -1.04 -24.18
C ASN A 111 0.24 -2.11 -24.34
N GLY A 112 -0.80 -2.02 -23.52
CA GLY A 112 -1.92 -2.94 -23.60
C GLY A 112 -1.61 -4.37 -23.19
N GLN A 113 -0.46 -4.62 -22.58
CA GLN A 113 -0.05 -5.97 -22.20
C GLN A 113 0.37 -5.99 -20.73
N ARG A 114 -0.01 -7.06 -20.05
CA ARG A 114 0.39 -7.25 -18.65
C ARG A 114 1.91 -7.29 -18.55
N ALA A 115 2.48 -6.32 -17.84
CA ALA A 115 3.91 -6.22 -17.66
C ALA A 115 4.36 -6.51 -16.22
N GLY A 116 3.41 -6.74 -15.31
CA GLY A 116 3.76 -7.01 -13.93
C GLY A 116 2.52 -7.37 -13.14
N THR A 117 2.76 -8.03 -12.00
CA THR A 117 1.68 -8.45 -11.12
C THR A 117 2.20 -8.39 -9.68
N CYS A 118 1.45 -7.72 -8.82
CA CYS A 118 1.91 -7.52 -7.45
C CYS A 118 0.71 -7.19 -6.56
N VAL A 119 0.92 -7.39 -5.26
CA VAL A 119 -0.05 -6.97 -4.25
C VAL A 119 0.16 -5.49 -4.01
N LEU A 120 -0.89 -4.70 -4.23
CA LEU A 120 -0.76 -3.25 -4.31
C LEU A 120 -1.92 -2.59 -3.58
N GLU A 121 -1.63 -1.49 -2.89
CA GLU A 121 -2.63 -0.79 -2.11
C GLU A 121 -2.05 0.54 -1.64
N TYR A 122 -2.93 1.49 -1.37
CA TYR A 122 -2.52 2.72 -0.72
C TYR A 122 -2.22 2.47 0.76
N ALA A 123 -1.44 3.38 1.34
CA ALA A 123 -1.30 3.44 2.79
C ALA A 123 -2.56 4.13 3.31
N THR A 124 -3.54 3.34 3.71
CA THR A 124 -4.86 3.86 4.08
C THR A 124 -4.81 5.07 5.00
N PRO A 125 -3.90 5.17 5.98
CA PRO A 125 -3.93 6.33 6.87
C PRO A 125 -3.83 7.67 6.15
N LEU A 126 -3.13 7.71 5.01
CA LEU A 126 -3.10 8.95 4.23
C LEU A 126 -4.50 9.35 3.79
N GLN A 127 -5.31 8.39 3.38
CA GLN A 127 -6.70 8.68 3.06
C GLN A 127 -7.44 9.25 4.26
N THR A 128 -7.07 8.82 5.47
CA THR A 128 -7.71 9.34 6.67
C THR A 128 -7.27 10.76 6.97
N LEU A 129 -5.97 11.04 6.85
CA LEU A 129 -5.48 12.41 6.99
C LEU A 129 -6.26 13.35 6.07
N PHE A 130 -6.31 13.03 4.78
CA PHE A 130 -7.01 13.88 3.82
C PHE A 130 -8.44 14.13 4.26
N ALA A 131 -9.13 13.10 4.75
CA ALA A 131 -10.53 13.23 5.11
C ALA A 131 -10.76 14.04 6.37
N MET A 132 -9.74 14.21 7.21
CA MET A 132 -9.92 14.99 8.42
C MET A 132 -10.18 16.46 8.14
N SER A 133 -9.84 16.93 6.94
CA SER A 133 -10.13 18.30 6.55
C SER A 133 -11.63 18.57 6.45
N GLN A 134 -12.46 17.53 6.47
CA GLN A 134 -13.91 17.68 6.38
C GLN A 134 -14.55 18.00 7.73
N TYR A 135 -13.76 18.14 8.79
CA TYR A 135 -14.29 18.35 10.13
C TYR A 135 -13.52 19.48 10.79
N SER A 136 -14.24 20.53 11.19
CA SER A 136 -13.60 21.66 11.85
C SER A 136 -12.97 21.23 13.17
N GLN A 137 -13.64 20.35 13.92
CA GLN A 137 -13.12 19.90 15.21
C GLN A 137 -11.84 19.09 15.06
N ALA A 138 -11.55 18.57 13.86
CA ALA A 138 -10.29 17.87 13.65
C ALA A 138 -9.11 18.83 13.66
N GLY A 139 -9.34 20.10 13.33
CA GLY A 139 -8.28 21.10 13.34
C GLY A 139 -7.21 20.89 12.30
N PHE A 140 -7.45 20.05 11.29
CA PHE A 140 -6.48 19.79 10.24
C PHE A 140 -6.74 20.75 9.09
N SER A 141 -5.88 21.76 8.95
CA SER A 141 -6.02 22.74 7.88
C SER A 141 -5.69 22.07 6.53
N ARG A 142 -5.47 22.88 5.51
CA ARG A 142 -5.05 22.39 4.20
C ARG A 142 -3.53 22.42 4.05
N GLU A 143 -2.90 23.48 4.56
CA GLU A 143 -1.44 23.55 4.53
C GLU A 143 -0.82 22.48 5.43
N ASP A 144 -1.44 22.24 6.60
CA ASP A 144 -0.92 21.21 7.49
C ASP A 144 -1.07 19.81 6.90
N ARG A 145 -2.07 19.61 6.04
CA ARG A 145 -2.33 18.29 5.49
C ARG A 145 -1.14 17.77 4.69
N LEU A 146 -0.61 18.58 3.78
CA LEU A 146 0.51 18.15 2.96
CA LEU A 146 0.51 18.14 2.96
C LEU A 146 1.76 17.90 3.80
N GLU A 147 1.91 18.62 4.91
CA GLU A 147 3.08 18.43 5.76
C GLU A 147 2.97 17.16 6.59
N GLN A 148 1.78 16.88 7.14
CA GLN A 148 1.59 15.64 7.89
C GLN A 148 1.73 14.42 6.98
N ALA A 149 1.29 14.52 5.73
CA ALA A 149 1.49 13.43 4.78
C ALA A 149 2.97 13.11 4.63
N LYS A 150 3.79 14.15 4.43
CA LYS A 150 5.23 13.94 4.31
C LYS A 150 5.81 13.35 5.60
N LEU A 151 5.32 13.81 6.75
CA LEU A 151 5.82 13.27 8.01
C LEU A 151 5.39 11.82 8.22
N PHE A 152 4.20 11.46 7.74
CA PHE A 152 3.77 10.07 7.82
C PHE A 152 4.73 9.15 7.09
N CYS A 153 5.11 9.51 5.86
CA CYS A 153 6.04 8.69 5.10
C CYS A 153 7.42 8.67 5.74
N ARG A 154 7.83 9.78 6.36
CA ARG A 154 9.16 9.85 6.96
C ARG A 154 9.27 8.93 8.17
N THR A 155 8.30 9.00 9.08
CA THR A 155 8.32 8.12 10.25
C THR A 155 8.19 6.67 9.84
N LEU A 156 7.34 6.38 8.85
CA LEU A 156 7.17 5.00 8.39
C LEU A 156 8.48 4.46 7.83
N GLU A 157 9.18 5.26 7.02
CA GLU A 157 10.48 4.83 6.51
C GLU A 157 11.47 4.58 7.66
N ASP A 158 11.48 5.47 8.65
CA ASP A 158 12.37 5.27 9.79
C ASP A 158 12.01 4.01 10.57
N ILE A 159 10.71 3.72 10.71
CA ILE A 159 10.29 2.51 11.41
C ILE A 159 10.83 1.27 10.71
N LEU A 160 10.62 1.20 9.39
CA LEU A 160 11.08 0.05 8.62
C LEU A 160 12.60 -0.04 8.58
N ALA A 161 13.30 1.08 8.76
CA ALA A 161 14.76 1.04 8.79
C ALA A 161 15.26 0.16 9.94
N ASP A 162 14.64 0.27 11.12
CA ASP A 162 14.98 -0.55 12.26
C ASP A 162 14.14 -1.82 12.34
N ALA A 163 13.53 -2.24 11.23
CA ALA A 163 12.70 -3.43 11.18
C ALA A 163 12.95 -4.15 9.86
N PRO A 164 14.13 -4.73 9.69
CA PRO A 164 14.43 -5.41 8.42
C PRO A 164 13.50 -6.57 8.12
N GLU A 165 12.98 -7.24 9.15
CA GLU A 165 12.02 -8.31 8.92
C GLU A 165 10.83 -7.82 8.09
N SER A 166 10.38 -6.59 8.36
CA SER A 166 9.29 -6.00 7.60
C SER A 166 9.75 -5.27 6.35
N GLN A 167 10.94 -4.66 6.38
CA GLN A 167 11.42 -3.90 5.23
C GLN A 167 11.59 -4.78 4.00
N ASN A 168 11.94 -6.06 4.19
CA ASN A 168 12.17 -6.94 3.05
C ASN A 168 10.88 -7.47 2.44
N ASN A 169 9.75 -7.35 3.14
CA ASN A 169 8.48 -7.87 2.67
C ASN A 169 7.56 -6.79 2.11
N CYS A 170 8.05 -5.56 1.96
CA CYS A 170 7.24 -4.49 1.40
C CYS A 170 8.13 -3.45 0.76
N ARG A 171 7.55 -2.65 -0.12
CA ARG A 171 8.25 -1.57 -0.80
C ARG A 171 7.35 -0.33 -0.78
N LEU A 172 7.87 0.77 -0.26
CA LEU A 172 7.14 2.03 -0.23
C LEU A 172 7.34 2.78 -1.54
N ILE A 173 6.25 3.27 -2.10
CA ILE A 173 6.28 4.01 -3.36
C ILE A 173 5.69 5.39 -3.06
N ALA A 174 6.55 6.34 -2.73
CA ALA A 174 6.13 7.71 -2.46
C ALA A 174 6.24 8.55 -3.73
N TYR A 175 5.23 9.39 -3.95
CA TYR A 175 5.18 10.19 -5.17
C TYR A 175 4.28 11.39 -4.90
N GLN A 176 4.22 12.28 -5.88
CA GLN A 176 3.40 13.49 -5.80
C GLN A 176 2.74 13.74 -7.14
N GLU A 177 1.40 13.67 -7.16
CA GLU A 177 0.63 13.96 -8.37
C GLU A 177 0.98 15.37 -8.86
N PRO A 178 1.62 15.50 -10.03
CA PRO A 178 1.92 16.85 -10.54
C PRO A 178 0.69 17.50 -11.16
N ALA A 179 0.68 18.83 -11.12
CA ALA A 179 -0.44 19.61 -11.67
C ALA A 179 -0.02 20.27 -12.97
N PHE A 184 3.26 11.91 -15.82
CA PHE A 184 3.45 10.98 -14.71
C PHE A 184 2.47 9.82 -14.81
N SER A 185 3.01 8.60 -14.87
CA SER A 185 2.23 7.37 -14.90
C SER A 185 2.50 6.59 -13.63
N LEU A 186 1.47 6.43 -12.80
CA LEU A 186 1.64 5.66 -11.57
C LEU A 186 1.93 4.19 -11.88
N SER A 187 1.35 3.67 -12.95
CA SER A 187 1.65 2.30 -13.37
C SER A 187 3.13 2.14 -13.69
N GLN A 188 3.75 3.17 -14.27
CA GLN A 188 5.16 3.11 -14.59
C GLN A 188 6.02 3.14 -13.33
N GLU A 189 5.70 4.04 -12.39
CA GLU A 189 6.45 4.12 -11.15
C GLU A 189 6.44 2.78 -10.42
N VAL A 190 5.30 2.09 -10.40
CA VAL A 190 5.24 0.77 -9.80
C VAL A 190 6.09 -0.22 -10.60
N LEU A 191 5.95 -0.18 -11.93
CA LEU A 191 6.75 -1.06 -12.77
C LEU A 191 8.24 -0.82 -12.58
N ARG A 192 8.63 0.43 -12.33
CA ARG A 192 10.03 0.73 -12.06
C ARG A 192 10.50 0.01 -10.79
N HIS A 193 9.81 0.25 -9.67
CA HIS A 193 10.11 -0.47 -8.44
C HIS A 193 10.01 -1.98 -8.64
N LEU A 194 9.03 -2.42 -9.45
CA LEU A 194 8.78 -3.84 -9.61
C LEU A 194 9.89 -4.51 -10.42
N ARG A 195 10.57 -3.75 -11.29
CA ARG A 195 11.62 -4.32 -12.13
C ARG A 195 12.96 -4.38 -11.43
N GLN A 196 13.12 -3.67 -10.31
CA GLN A 196 14.34 -3.79 -9.51
C GLN A 196 14.30 -4.96 -8.55
N GLU A 197 13.22 -5.73 -8.53
CA GLU A 197 13.10 -6.89 -7.65
C GLU A 197 13.55 -8.15 -8.37
N M8T B . -12.12 -4.19 12.63
C M8T B . -11.87 -3.56 13.79
O M8T B . -8.00 1.68 8.29
C1 M8T B . -11.27 -1.55 12.73
C10 M8T B . -6.44 -2.78 5.62
C11 M8T B . -5.63 -2.30 7.77
C12 M8T B . -6.34 -3.47 8.29
C13 M8T B . -7.12 -4.27 7.31
C14 M8T B . -5.27 -2.47 9.91
C15 M8T B . -5.50 1.14 9.74
C16 M8T B . -5.08 0.64 8.38
C17 M8T B . -4.17 -0.52 8.74
C18 M8T B . -4.21 1.00 10.53
C19 M8T B . -4.43 0.92 12.03
C2 M8T B . -11.52 -2.18 11.42
C3 M8T B . -11.98 -3.59 11.44
C4 M8T B . -10.88 -0.10 11.15
C5 M8T B . -8.18 0.92 13.35
C6 M8T B . -9.22 0.21 14.18
C7 M8T B . -10.52 0.68 13.53
C8 M8T B . -8.84 2.27 13.11
C9 M8T B . -8.28 3.01 11.91
F6 M8T B . -4.37 1.62 7.73
F9 M8T B . -9.16 0.62 15.48
N1 M8T B . -11.45 -2.28 13.85
N2 M8T B . -10.89 -0.30 12.49
N3 M8T B . -11.27 -1.23 10.50
N4 M8T B . -7.11 -3.87 6.02
N5 M8T B . -5.72 -2.01 6.45
N6 M8T B . -5.01 -1.75 8.81
N7 M8T B . -6.08 -3.52 9.61
N9 M8T B . -7.80 -5.38 7.69
O1 M8T B . -10.24 1.97 12.96
O10 M8T B . -6.92 0.97 14.01
O2 M8T B . -8.42 2.21 10.73
O22 M8T B . -6.71 -1.55 13.92
O3 M8T B . -7.92 4.05 9.05
O4 M8T B . -4.83 -0.21 14.85
O5 M8T B . -3.60 -0.20 10.01
O7 M8T B . -6.04 2.46 9.68
O8 M8T B . -5.26 -0.19 12.35
P M8T B . -7.61 2.62 9.40
P1 M8T B . -5.92 -0.27 13.81
N10 M8T B . -12.24 -4.25 10.28
H M8T B . -12.00 -4.11 14.72
H10 M8T B . -6.48 -2.50 4.57
H14 M8T B . -4.91 -2.24 10.90
H15 M8T B . -6.33 0.59 10.21
H16 M8T B . -5.91 0.38 7.71
H17 M8T B . -3.38 -0.68 7.99
H18 M8T B . -3.56 1.88 10.40
H191 M8T B . -4.89 1.84 12.38
H192 M8T B . -3.47 0.81 12.54
H4 M8T B . -10.60 0.83 10.66
H5 M8T B . -7.91 0.42 12.41
H6 M8T B . -9.11 -0.88 14.21
H7 M8T B . -11.34 0.75 14.25
H8 M8T B . -8.65 2.96 13.95
H91 M8T B . -8.80 3.95 11.77
H92 M8T B . -7.22 3.22 12.07
H1 M8T B . -8.30 -5.88 7.05
H111 M8T B . -12.14 -3.80 9.44
#